data_3A64
#
_entry.id   3A64
#
_cell.length_a   44.035
_cell.length_b   45.112
_cell.length_c   48.904
_cell.angle_alpha   77.81
_cell.angle_beta   87.34
_cell.angle_gamma   68.79
#
_symmetry.space_group_name_H-M   'P 1'
#
loop_
_entity.id
_entity.type
_entity.pdbx_description
1 polymer Cellobiohydrolase
2 non-polymer 'MAGNESIUM ION'
3 water water
#
_entity_poly.entity_id   1
_entity_poly.type   'polypeptide(L)'
_entity_poly.pdbx_seq_one_letter_code
;APSASFERRQGSVNPYIGRSPLVIKSYAEKLEETIAYFEAQGDELNAARTRTVQGIPTFAWISDSATIDTIQPLIADAVA
HQEASGEQVLVQLVIYNLPDRDCAAKASDGEFHLDDDGANKYRAYVDRIVAELSTADADKLHFSIVLEPDSLGNMVTNMH
VPKCQGAATAYKEGIAYTIASLQKPNIDLYIDAAHGGWLGWNDNLRPSAEIFKETLDLARQITPNATVRGLAINVSNYNP
YKTRAREDYTEWNNAYDEWNYVKTLTPHLQAVGFPAQFIVDQGRSGREGIRTEWGQWCNIRNAGFGIRPTTDQAIVDSAN
VDAIVWVKPGGESDGTSDVNAVRFDENCRSPASHVPAPEAGEWFNEFVVNLVINANPPLEPTYAAAALEHHHHHH
;
_entity_poly.pdbx_strand_id   A
#
loop_
_chem_comp.id
_chem_comp.type
_chem_comp.name
_chem_comp.formula
MG non-polymer 'MAGNESIUM ION' 'Mg 2'
#
# COMPACT_ATOMS: atom_id res chain seq x y z
N VAL A 13 -8.80 -16.80 -9.31
CA VAL A 13 -7.48 -17.46 -9.03
C VAL A 13 -6.52 -16.43 -8.45
N ASN A 14 -5.53 -16.88 -7.69
CA ASN A 14 -4.51 -16.00 -7.14
C ASN A 14 -3.66 -15.44 -8.29
N PRO A 15 -3.80 -14.12 -8.58
CA PRO A 15 -3.15 -13.58 -9.77
C PRO A 15 -1.63 -13.51 -9.66
N TYR A 16 -1.12 -13.64 -8.43
CA TYR A 16 0.32 -13.61 -8.19
C TYR A 16 1.03 -14.90 -8.57
N ILE A 17 0.30 -16.00 -8.67
CA ILE A 17 0.96 -17.29 -8.90
C ILE A 17 1.54 -17.34 -10.30
N GLY A 18 2.85 -17.55 -10.37
CA GLY A 18 3.53 -17.66 -11.65
C GLY A 18 3.89 -16.33 -12.28
N ARG A 19 3.36 -15.25 -11.72
CA ARG A 19 3.57 -13.93 -12.29
C ARG A 19 4.81 -13.20 -11.75
N SER A 20 5.31 -12.25 -12.52
CA SER A 20 6.48 -11.49 -12.12
C SER A 20 6.07 -10.04 -11.91
N PRO A 21 5.82 -9.66 -10.64
CA PRO A 21 5.46 -8.26 -10.41
C PRO A 21 6.53 -7.30 -10.91
N LEU A 22 6.08 -6.17 -11.44
CA LEU A 22 6.96 -5.27 -12.16
C LEU A 22 7.86 -4.47 -11.23
N VAL A 23 9.17 -4.47 -11.54
CA VAL A 23 10.10 -3.55 -10.91
C VAL A 23 9.85 -2.14 -11.47
N ILE A 24 9.68 -1.18 -10.57
CA ILE A 24 9.36 0.19 -10.96
C ILE A 24 10.67 0.92 -11.20
N LYS A 25 10.97 1.18 -12.49
CA LYS A 25 12.24 1.76 -12.89
C LYS A 25 12.58 3.07 -12.17
N SER A 26 11.58 3.94 -12.03
CA SER A 26 11.82 5.26 -11.41
C SER A 26 12.22 5.10 -9.96
N TYR A 27 11.74 4.04 -9.30
CA TYR A 27 12.13 3.75 -7.93
C TYR A 27 13.54 3.17 -7.86
N ALA A 28 13.82 2.17 -8.71
CA ALA A 28 15.15 1.58 -8.76
C ALA A 28 16.24 2.64 -9.02
N GLU A 29 15.91 3.63 -9.85
CA GLU A 29 16.84 4.72 -10.14
C GLU A 29 17.18 5.55 -8.90
N LYS A 30 16.21 5.76 -8.01
CA LYS A 30 16.45 6.51 -6.77
C LYS A 30 17.48 5.81 -5.88
N LEU A 31 17.49 4.48 -5.91
CA LEU A 31 18.43 3.69 -5.10
C LEU A 31 19.90 3.82 -5.52
N GLU A 32 20.16 4.43 -6.67
CA GLU A 32 21.55 4.65 -7.11
C GLU A 32 22.29 5.52 -6.10
N GLU A 33 21.55 6.46 -5.48
CA GLU A 33 22.09 7.31 -4.44
C GLU A 33 22.50 6.51 -3.21
N THR A 34 21.73 5.48 -2.90
CA THR A 34 22.00 4.64 -1.72
C THR A 34 23.21 3.75 -2.01
N ILE A 35 23.29 3.21 -3.21
CA ILE A 35 24.43 2.42 -3.63
C ILE A 35 25.70 3.26 -3.56
N ALA A 36 25.65 4.48 -4.11
CA ALA A 36 26.80 5.39 -4.10
C ALA A 36 27.24 5.70 -2.67
N TYR A 37 26.27 5.86 -1.77
CA TYR A 37 26.60 6.11 -0.37
C TYR A 37 27.39 4.94 0.23
N PHE A 38 26.90 3.72 0.06
CA PHE A 38 27.57 2.55 0.63
C PHE A 38 28.95 2.32 0.02
N GLU A 39 29.08 2.56 -1.29
CA GLU A 39 30.38 2.43 -1.95
C GLU A 39 31.36 3.43 -1.37
N ALA A 40 30.90 4.66 -1.12
CA ALA A 40 31.74 5.71 -0.52
C ALA A 40 32.12 5.42 0.94
N GLN A 41 31.38 4.51 1.59
CA GLN A 41 31.69 4.08 2.96
C GLN A 41 32.61 2.86 2.98
N GLY A 42 32.96 2.36 1.80
CA GLY A 42 33.75 1.12 1.66
C GLY A 42 32.97 -0.12 2.06
N ASP A 43 31.66 -0.07 1.82
CA ASP A 43 30.74 -1.10 2.30
C ASP A 43 30.14 -1.81 1.08
N GLU A 44 30.90 -2.77 0.56
CA GLU A 44 30.49 -3.49 -0.65
C GLU A 44 29.30 -4.40 -0.43
N LEU A 45 29.18 -4.97 0.77
CA LEU A 45 28.05 -5.85 1.05
C LEU A 45 26.74 -5.06 1.01
N ASN A 46 26.69 -3.92 1.69
CA ASN A 46 25.45 -3.14 1.66
C ASN A 46 25.17 -2.49 0.31
N ALA A 47 26.21 -2.13 -0.42
CA ALA A 47 26.05 -1.69 -1.82
C ALA A 47 25.37 -2.80 -2.63
N ALA A 48 25.85 -4.03 -2.46
CA ALA A 48 25.31 -5.18 -3.19
C ALA A 48 23.89 -5.54 -2.75
N ARG A 49 23.60 -5.35 -1.46
CA ARG A 49 22.24 -5.58 -0.96
C ARG A 49 21.28 -4.54 -1.53
N THR A 50 21.78 -3.32 -1.70
CA THR A 50 20.95 -2.27 -2.29
C THR A 50 20.66 -2.61 -3.75
N ARG A 51 21.65 -3.17 -4.45
CA ARG A 51 21.44 -3.66 -5.82
C ARG A 51 20.33 -4.73 -5.84
N THR A 52 20.32 -5.60 -4.84
CA THR A 52 19.21 -6.56 -4.74
C THR A 52 17.88 -5.82 -4.65
N VAL A 53 17.83 -4.79 -3.82
CA VAL A 53 16.58 -4.02 -3.65
C VAL A 53 16.12 -3.40 -4.97
N GLN A 54 17.06 -2.97 -5.81
CA GLN A 54 16.70 -2.46 -7.15
C GLN A 54 15.89 -3.44 -7.98
N GLY A 55 16.06 -4.73 -7.72
CA GLY A 55 15.36 -5.79 -8.46
C GLY A 55 14.10 -6.32 -7.79
N ILE A 56 13.71 -5.71 -6.66
CA ILE A 56 12.53 -6.13 -5.92
C ILE A 56 11.34 -5.27 -6.35
N PRO A 57 10.24 -5.90 -6.78
CA PRO A 57 9.07 -5.15 -7.23
C PRO A 57 8.41 -4.36 -6.10
N THR A 58 7.86 -3.20 -6.46
CA THR A 58 7.12 -2.36 -5.55
C THR A 58 5.88 -1.87 -6.28
N PHE A 59 4.97 -1.21 -5.58
CA PHE A 59 3.78 -0.64 -6.20
C PHE A 59 4.07 0.80 -6.67
N ALA A 60 3.49 1.14 -7.83
CA ALA A 60 3.52 2.51 -8.33
C ALA A 60 2.24 3.19 -7.85
N TRP A 61 2.41 4.28 -7.13
CA TRP A 61 1.27 5.03 -6.59
C TRP A 61 0.77 6.10 -7.55
N ILE A 62 -0.55 6.14 -7.71
CA ILE A 62 -1.23 7.18 -8.48
C ILE A 62 -2.02 8.02 -7.47
N SER A 63 -1.34 8.98 -6.86
CA SER A 63 -1.88 9.74 -5.73
C SER A 63 -2.38 11.12 -6.11
N ASP A 64 -2.30 11.43 -7.40
CA ASP A 64 -2.82 12.67 -7.95
C ASP A 64 -3.02 12.50 -9.44
N SER A 65 -3.68 13.47 -10.07
CA SER A 65 -3.99 13.38 -11.48
C SER A 65 -2.76 13.50 -12.37
N ALA A 66 -1.79 14.32 -11.95
CA ALA A 66 -0.57 14.50 -12.75
C ALA A 66 0.14 13.18 -12.96
N THR A 67 0.06 12.29 -11.97
CA THR A 67 0.79 11.02 -12.03
C THR A 67 0.21 10.08 -13.07
N ILE A 68 -1.01 10.36 -13.52
CA ILE A 68 -1.59 9.53 -14.58
C ILE A 68 -0.69 9.56 -15.84
N ASP A 69 0.01 10.67 -16.04
CA ASP A 69 0.91 10.85 -17.20
C ASP A 69 2.05 9.83 -17.20
N THR A 70 2.34 9.26 -16.05
CA THR A 70 3.44 8.29 -15.93
C THR A 70 3.00 6.87 -16.29
N ILE A 71 1.69 6.66 -16.40
CA ILE A 71 1.17 5.30 -16.54
C ILE A 71 1.48 4.67 -17.90
N GLN A 72 1.23 5.39 -18.99
CA GLN A 72 1.50 4.78 -20.30
C GLN A 72 2.99 4.49 -20.53
N PRO A 73 3.90 5.42 -20.16
CA PRO A 73 5.32 5.04 -20.25
C PRO A 73 5.67 3.80 -19.41
N LEU A 74 5.03 3.68 -18.23
CA LEU A 74 5.26 2.54 -17.35
C LEU A 74 4.80 1.25 -18.05
N ILE A 75 3.63 1.34 -18.67
CA ILE A 75 3.05 0.21 -19.41
C ILE A 75 3.91 -0.18 -20.62
N ALA A 76 4.36 0.82 -21.37
CA ALA A 76 5.20 0.54 -22.53
C ALA A 76 6.51 -0.16 -22.11
N ASP A 77 7.13 0.33 -21.04
CA ASP A 77 8.33 -0.31 -20.47
C ASP A 77 8.02 -1.74 -20.01
N ALA A 78 6.86 -1.92 -19.36
CA ALA A 78 6.45 -3.23 -18.90
C ALA A 78 6.26 -4.23 -20.03
N VAL A 79 5.64 -3.78 -21.13
CA VAL A 79 5.46 -4.65 -22.29
C VAL A 79 6.82 -4.99 -22.91
N ALA A 80 7.70 -4.00 -23.04
CA ALA A 80 9.05 -4.27 -23.56
C ALA A 80 9.75 -5.32 -22.70
N HIS A 81 9.62 -5.18 -21.38
CA HIS A 81 10.23 -6.12 -20.46
C HIS A 81 9.60 -7.50 -20.60
N GLN A 82 8.29 -7.56 -20.75
CA GLN A 82 7.60 -8.83 -20.95
C GLN A 82 8.11 -9.54 -22.20
N GLU A 83 8.25 -8.80 -23.29
CA GLU A 83 8.74 -9.37 -24.55
C GLU A 83 10.16 -9.87 -24.41
N ALA A 84 11.00 -9.05 -23.77
CA ALA A 84 12.43 -9.38 -23.61
C ALA A 84 12.64 -10.59 -22.71
N SER A 85 11.86 -10.68 -21.63
CA SER A 85 12.13 -11.64 -20.56
C SER A 85 11.34 -12.94 -20.65
N GLY A 86 10.20 -12.90 -21.35
CA GLY A 86 9.28 -14.03 -21.40
C GLY A 86 8.47 -14.21 -20.13
N GLU A 87 8.49 -13.19 -19.27
CA GLU A 87 7.79 -13.23 -17.98
C GLU A 87 6.31 -12.92 -18.13
N GLN A 88 5.52 -13.25 -17.11
CA GLN A 88 4.15 -12.76 -17.06
C GLN A 88 4.15 -11.56 -16.14
N VAL A 89 4.26 -10.38 -16.74
CA VAL A 89 4.45 -9.16 -15.96
C VAL A 89 3.16 -8.77 -15.26
N LEU A 90 3.27 -8.47 -13.97
CA LEU A 90 2.15 -8.06 -13.15
C LEU A 90 2.41 -6.64 -12.64
N VAL A 91 1.71 -5.68 -13.23
CA VAL A 91 1.89 -4.27 -12.87
C VAL A 91 1.10 -3.96 -11.60
N GLN A 92 1.78 -3.44 -10.58
CA GLN A 92 1.12 -3.17 -9.30
C GLN A 92 0.93 -1.67 -9.14
N LEU A 93 -0.33 -1.24 -8.95
CA LEU A 93 -0.69 0.17 -8.85
C LEU A 93 -1.49 0.44 -7.60
N VAL A 94 -1.37 1.66 -7.06
CA VAL A 94 -2.26 2.12 -5.97
C VAL A 94 -3.07 3.30 -6.49
N ILE A 95 -4.38 3.24 -6.32
CA ILE A 95 -5.25 4.37 -6.63
C ILE A 95 -5.59 5.07 -5.32
N TYR A 96 -5.24 6.35 -5.21
CA TYR A 96 -5.29 7.03 -3.92
C TYR A 96 -5.62 8.50 -4.12
N ASN A 97 -6.89 8.79 -4.38
CA ASN A 97 -7.29 10.18 -4.63
C ASN A 97 -8.76 10.49 -4.33
N LEU A 98 -9.38 9.77 -3.39
CA LEU A 98 -10.79 10.07 -3.06
C LEU A 98 -10.98 11.54 -2.69
N PRO A 99 -12.18 12.08 -2.99
CA PRO A 99 -12.45 13.46 -2.58
C PRO A 99 -12.54 13.54 -1.04
N ASP A 100 -12.15 14.68 -0.47
CA ASP A 100 -12.03 14.83 0.98
C ASP A 100 -11.21 13.67 1.57
N ARG A 101 -10.10 13.38 0.88
CA ARG A 101 -9.19 12.28 1.23
C ARG A 101 -8.68 12.43 2.65
N ASP A 102 -8.41 11.30 3.30
CA ASP A 102 -7.81 11.28 4.63
C ASP A 102 -8.64 12.10 5.63
N CYS A 103 -9.93 11.76 5.75
CA CYS A 103 -10.89 12.65 6.44
C CYS A 103 -10.57 12.90 7.91
N ALA A 104 -9.89 11.95 8.56
CA ALA A 104 -9.55 12.10 9.99
C ALA A 104 -8.20 12.76 10.27
N ALA A 105 -7.41 13.00 9.23
CA ALA A 105 -6.13 13.69 9.38
C ALA A 105 -6.36 15.21 9.51
N LYS A 106 -5.45 15.87 10.23
CA LYS A 106 -5.49 17.33 10.33
C LYS A 106 -5.32 17.99 8.97
N ALA A 107 -4.56 17.35 8.09
CA ALA A 107 -4.33 17.86 6.75
C ALA A 107 -4.23 16.72 5.75
N SER A 108 -4.55 17.02 4.49
CA SER A 108 -4.43 16.05 3.40
C SER A 108 -3.92 16.74 2.16
N ASP A 109 -3.11 16.00 1.41
CA ASP A 109 -2.67 16.40 0.09
C ASP A 109 -3.58 15.96 -1.05
N GLY A 110 -4.70 15.31 -0.73
CA GLY A 110 -5.66 14.95 -1.78
C GLY A 110 -6.10 16.17 -2.58
N GLU A 111 -6.18 16.04 -3.89
CA GLU A 111 -6.45 17.25 -4.66
C GLU A 111 -7.95 17.54 -4.84
N PHE A 112 -8.81 16.59 -4.49
CA PHE A 112 -10.25 16.77 -4.71
C PHE A 112 -11.00 17.02 -3.42
N HIS A 113 -11.96 17.95 -3.49
CA HIS A 113 -12.77 18.33 -2.34
C HIS A 113 -14.25 18.28 -2.69
N LEU A 114 -15.05 17.69 -1.81
CA LEU A 114 -16.48 17.54 -2.06
C LEU A 114 -17.17 18.85 -2.40
N ASP A 115 -16.75 19.94 -1.75
CA ASP A 115 -17.38 21.23 -1.96
C ASP A 115 -16.93 21.93 -3.25
N ASP A 116 -15.98 21.32 -3.95
CA ASP A 116 -15.51 21.80 -5.26
C ASP A 116 -15.62 20.69 -6.29
N ASP A 117 -16.82 20.09 -6.38
CA ASP A 117 -17.15 19.10 -7.40
C ASP A 117 -16.24 17.87 -7.33
N GLY A 118 -15.77 17.57 -6.12
CA GLY A 118 -14.79 16.50 -5.91
C GLY A 118 -15.25 15.09 -6.31
N ALA A 119 -16.53 14.78 -6.09
CA ALA A 119 -17.04 13.47 -6.48
C ALA A 119 -16.97 13.23 -7.99
N ASN A 120 -17.42 14.23 -8.76
CA ASN A 120 -17.35 14.13 -10.22
C ASN A 120 -15.91 14.15 -10.72
N LYS A 121 -15.08 14.99 -10.09
CA LYS A 121 -13.67 15.04 -10.45
C LYS A 121 -12.99 13.70 -10.19
N TYR A 122 -13.36 13.04 -9.09
CA TYR A 122 -12.78 11.72 -8.80
C TYR A 122 -13.18 10.71 -9.87
N ARG A 123 -14.46 10.70 -10.24
CA ARG A 123 -14.89 9.81 -11.34
C ARG A 123 -14.07 10.04 -12.60
N ALA A 124 -13.82 11.30 -12.96
CA ALA A 124 -13.08 11.59 -14.18
C ALA A 124 -11.61 11.17 -14.08
N TYR A 125 -11.05 11.31 -12.88
CA TYR A 125 -9.70 10.82 -12.58
C TYR A 125 -9.65 9.30 -12.77
N VAL A 126 -10.65 8.58 -12.26
CA VAL A 126 -10.73 7.14 -12.49
C VAL A 126 -10.85 6.85 -13.97
N ASP A 127 -11.68 7.63 -14.68
CA ASP A 127 -11.88 7.46 -16.12
C ASP A 127 -10.57 7.64 -16.90
N ARG A 128 -9.73 8.56 -16.44
CA ARG A 128 -8.44 8.77 -17.07
C ARG A 128 -7.51 7.57 -16.85
N ILE A 129 -7.53 7.01 -15.64
CA ILE A 129 -6.78 5.78 -15.35
C ILE A 129 -7.30 4.62 -16.23
N VAL A 130 -8.61 4.49 -16.33
CA VAL A 130 -9.22 3.42 -17.14
C VAL A 130 -8.72 3.52 -18.58
N ALA A 131 -8.73 4.73 -19.14
CA ALA A 131 -8.23 4.94 -20.50
C ALA A 131 -6.81 4.41 -20.66
N GLU A 132 -5.94 4.73 -19.70
CA GLU A 132 -4.56 4.25 -19.78
C GLU A 132 -4.48 2.73 -19.66
N LEU A 133 -5.37 2.15 -18.85
CA LEU A 133 -5.41 0.70 -18.65
C LEU A 133 -6.21 -0.05 -19.74
N SER A 134 -6.56 0.67 -20.80
CA SER A 134 -7.39 0.10 -21.88
C SER A 134 -6.72 0.07 -23.24
N THR A 135 -5.43 0.40 -23.29
CA THR A 135 -4.68 0.40 -24.55
C THR A 135 -4.32 -1.03 -24.96
N ALA A 136 -3.90 -1.21 -26.22
CA ALA A 136 -3.50 -2.54 -26.67
C ALA A 136 -2.31 -3.04 -25.86
N ASP A 137 -1.40 -2.13 -25.48
CA ASP A 137 -0.28 -2.50 -24.60
C ASP A 137 -0.78 -2.96 -23.21
N ALA A 138 -1.70 -2.19 -22.61
CA ALA A 138 -2.25 -2.59 -21.30
C ALA A 138 -2.88 -3.99 -21.36
N ASP A 139 -3.54 -4.31 -22.48
CA ASP A 139 -4.23 -5.59 -22.65
C ASP A 139 -3.28 -6.78 -22.59
N LYS A 140 -1.99 -6.53 -22.85
CA LYS A 140 -0.95 -7.57 -22.85
C LYS A 140 -0.47 -7.93 -21.44
N LEU A 141 -0.79 -7.07 -20.47
CA LEU A 141 -0.28 -7.16 -19.11
C LEU A 141 -1.36 -7.60 -18.14
N HIS A 142 -0.95 -7.97 -16.93
CA HIS A 142 -1.90 -8.16 -15.84
C HIS A 142 -1.65 -7.07 -14.82
N PHE A 143 -2.70 -6.66 -14.11
CA PHE A 143 -2.60 -5.61 -13.09
C PHE A 143 -3.10 -6.09 -11.74
N SER A 144 -2.43 -5.60 -10.69
CA SER A 144 -2.88 -5.80 -9.32
C SER A 144 -2.99 -4.39 -8.74
N ILE A 145 -4.19 -4.02 -8.32
CA ILE A 145 -4.44 -2.62 -7.94
C ILE A 145 -5.02 -2.53 -6.54
N VAL A 146 -4.35 -1.76 -5.68
CA VAL A 146 -4.82 -1.49 -4.32
C VAL A 146 -5.69 -0.24 -4.36
N LEU A 147 -6.91 -0.34 -3.81
CA LEU A 147 -7.85 0.77 -3.85
C LEU A 147 -7.93 1.55 -2.55
N GLU A 148 -7.46 2.80 -2.61
CA GLU A 148 -7.75 3.85 -1.64
C GLU A 148 -7.35 3.57 -0.19
N PRO A 149 -6.03 3.60 0.08
CA PRO A 149 -5.57 3.56 1.47
C PRO A 149 -6.17 4.70 2.28
N ASP A 150 -6.28 4.49 3.59
CA ASP A 150 -6.76 5.51 4.53
C ASP A 150 -8.17 5.99 4.23
N SER A 151 -9.04 5.08 3.78
CA SER A 151 -10.41 5.46 3.43
C SER A 151 -11.44 4.84 4.35
N LEU A 152 -11.88 3.61 4.05
CA LEU A 152 -13.07 3.05 4.69
C LEU A 152 -12.95 2.79 6.19
N GLY A 153 -11.72 2.61 6.68
CA GLY A 153 -11.51 2.44 8.13
C GLY A 153 -12.06 3.63 8.89
N ASN A 154 -12.05 4.81 8.25
CA ASN A 154 -12.55 6.02 8.89
C ASN A 154 -14.05 5.96 9.18
N MET A 155 -14.79 5.23 8.35
CA MET A 155 -16.22 5.03 8.56
C MET A 155 -16.47 4.06 9.71
N VAL A 156 -15.45 3.30 10.10
CA VAL A 156 -15.58 2.39 11.23
C VAL A 156 -15.26 3.08 12.56
N THR A 157 -14.17 3.85 12.60
CA THR A 157 -13.68 4.38 13.87
C THR A 157 -13.69 5.90 14.03
N ASN A 158 -13.92 6.63 12.93
CA ASN A 158 -13.77 8.08 12.93
C ASN A 158 -15.04 8.84 12.58
N MET A 159 -16.19 8.23 12.81
CA MET A 159 -17.46 8.89 12.48
C MET A 159 -17.86 10.03 13.42
N HIS A 160 -17.04 10.28 14.44
CA HIS A 160 -17.21 11.47 15.29
C HIS A 160 -16.52 12.68 14.66
N VAL A 161 -15.77 12.45 13.58
CA VAL A 161 -15.03 13.53 12.92
C VAL A 161 -15.91 14.17 11.83
N PRO A 162 -16.18 15.49 11.94
CA PRO A 162 -17.03 16.15 10.94
C PRO A 162 -16.66 15.82 9.48
N LYS A 163 -15.38 15.93 9.11
CA LYS A 163 -15.00 15.63 7.72
C LYS A 163 -15.32 14.19 7.31
N CYS A 164 -15.17 13.24 8.24
CA CYS A 164 -15.51 11.84 7.92
C CYS A 164 -17.01 11.65 7.80
N GLN A 165 -17.77 12.30 8.69
CA GLN A 165 -19.23 12.28 8.59
C GLN A 165 -19.67 12.75 7.21
N GLY A 166 -19.05 13.84 6.74
CA GLY A 166 -19.39 14.42 5.43
C GLY A 166 -18.88 13.65 4.22
N ALA A 167 -17.92 12.75 4.44
CA ALA A 167 -17.28 12.04 3.33
C ALA A 167 -17.64 10.55 3.22
N ALA A 168 -18.35 10.03 4.23
CA ALA A 168 -18.61 8.61 4.31
C ALA A 168 -19.29 8.06 3.06
N THR A 169 -20.38 8.69 2.65
CA THR A 169 -21.09 8.26 1.46
C THR A 169 -20.19 8.39 0.22
N ALA A 170 -19.46 9.51 0.13
CA ALA A 170 -18.55 9.72 -1.00
C ALA A 170 -17.42 8.67 -1.10
N TYR A 171 -16.91 8.21 0.04
CA TYR A 171 -15.85 7.19 0.02
C TYR A 171 -16.41 5.89 -0.53
N LYS A 172 -17.58 5.49 -0.05
CA LYS A 172 -18.22 4.26 -0.53
C LYS A 172 -18.59 4.36 -2.01
N GLU A 173 -19.16 5.50 -2.40
CA GLU A 173 -19.57 5.71 -3.79
C GLU A 173 -18.37 5.81 -4.73
N GLY A 174 -17.30 6.43 -4.24
CA GLY A 174 -16.07 6.59 -5.02
C GLY A 174 -15.43 5.24 -5.28
N ILE A 175 -15.20 4.49 -4.21
CA ILE A 175 -14.57 3.17 -4.33
C ILE A 175 -15.44 2.23 -5.16
N ALA A 176 -16.77 2.34 -4.99
CA ALA A 176 -17.69 1.53 -5.78
C ALA A 176 -17.51 1.79 -7.27
N TYR A 177 -17.37 3.06 -7.64
CA TYR A 177 -17.17 3.42 -9.04
C TYR A 177 -15.84 2.92 -9.59
N THR A 178 -14.80 3.05 -8.77
CA THR A 178 -13.48 2.54 -9.15
C THR A 178 -13.52 1.02 -9.40
N ILE A 179 -14.13 0.27 -8.49
CA ILE A 179 -14.30 -1.17 -8.67
C ILE A 179 -15.08 -1.44 -9.95
N ALA A 180 -16.22 -0.76 -10.11
CA ALA A 180 -17.10 -1.02 -11.24
C ALA A 180 -16.44 -0.68 -12.58
N SER A 181 -15.45 0.20 -12.53
CA SER A 181 -14.79 0.72 -13.73
C SER A 181 -13.60 -0.09 -14.20
N LEU A 182 -13.18 -1.02 -13.35
CA LEU A 182 -11.95 -1.79 -13.59
C LEU A 182 -12.21 -3.28 -13.60
N GLN A 183 -13.32 -3.67 -14.22
CA GLN A 183 -13.69 -5.06 -14.36
C GLN A 183 -13.18 -5.56 -15.70
N LYS A 184 -11.99 -6.12 -15.68
CA LYS A 184 -11.37 -6.68 -16.88
C LYS A 184 -10.70 -7.98 -16.49
N PRO A 185 -10.61 -8.94 -17.44
CA PRO A 185 -10.02 -10.22 -17.13
C PRO A 185 -8.53 -10.14 -16.72
N ASN A 186 -7.86 -9.06 -17.08
CA ASN A 186 -6.45 -8.89 -16.74
C ASN A 186 -6.19 -7.98 -15.55
N ILE A 187 -7.24 -7.68 -14.77
CA ILE A 187 -7.10 -6.81 -13.60
C ILE A 187 -7.64 -7.49 -12.35
N ASP A 188 -6.83 -7.54 -11.30
CA ASP A 188 -7.30 -7.94 -9.96
C ASP A 188 -7.25 -6.76 -8.99
N LEU A 189 -8.31 -6.63 -8.20
CA LEU A 189 -8.47 -5.49 -7.29
C LEU A 189 -8.44 -5.92 -5.84
N TYR A 190 -7.75 -5.13 -5.03
CA TYR A 190 -7.72 -5.33 -3.59
C TYR A 190 -8.10 -4.05 -2.89
N ILE A 191 -9.16 -4.09 -2.09
CA ILE A 191 -9.59 -2.88 -1.40
C ILE A 191 -8.69 -2.71 -0.17
N ASP A 192 -8.20 -1.50 0.07
CA ASP A 192 -7.39 -1.30 1.27
C ASP A 192 -8.19 -1.58 2.54
N ALA A 193 -7.57 -2.30 3.47
CA ALA A 193 -8.25 -2.67 4.72
C ALA A 193 -7.37 -2.31 5.94
N ALA A 194 -6.63 -1.20 5.84
CA ALA A 194 -5.84 -0.70 6.97
C ALA A 194 -4.89 -1.77 7.50
N HIS A 195 -4.77 -1.85 8.82
CA HIS A 195 -3.81 -2.77 9.44
C HIS A 195 -4.38 -3.23 10.78
N GLY A 196 -3.71 -4.20 11.41
CA GLY A 196 -4.26 -4.83 12.62
C GLY A 196 -4.55 -3.84 13.74
N GLY A 197 -3.69 -2.83 13.85
CA GLY A 197 -3.78 -1.84 14.92
C GLY A 197 -4.89 -0.83 14.74
N TRP A 198 -5.51 -0.85 13.56
CA TRP A 198 -6.65 0.01 13.28
C TRP A 198 -7.93 -0.82 13.34
N LEU A 199 -8.11 -1.73 12.39
CA LEU A 199 -9.40 -2.43 12.27
C LEU A 199 -9.43 -3.81 12.92
N GLY A 200 -8.33 -4.20 13.55
CA GLY A 200 -8.22 -5.53 14.17
C GLY A 200 -8.82 -5.65 15.56
N TRP A 201 -9.04 -4.52 16.22
CA TRP A 201 -9.72 -4.48 17.52
C TRP A 201 -11.09 -5.17 17.40
N ASN A 202 -11.48 -5.89 18.44
CA ASN A 202 -12.69 -6.73 18.37
C ASN A 202 -13.92 -5.98 17.84
N ASP A 203 -14.13 -4.76 18.33
CA ASP A 203 -15.30 -3.95 18.01
C ASP A 203 -15.34 -3.54 16.54
N ASN A 204 -14.19 -3.58 15.89
CA ASN A 204 -14.05 -3.06 14.53
C ASN A 204 -14.18 -4.10 13.44
N LEU A 205 -14.07 -5.36 13.81
CA LEU A 205 -13.99 -6.44 12.81
C LEU A 205 -15.25 -6.56 11.96
N ARG A 206 -16.39 -6.74 12.62
CA ARG A 206 -17.64 -6.93 11.90
C ARG A 206 -18.05 -5.69 11.08
N PRO A 207 -18.03 -4.48 11.70
CA PRO A 207 -18.33 -3.29 10.90
C PRO A 207 -17.42 -3.12 9.66
N SER A 208 -16.15 -3.52 9.79
CA SER A 208 -15.24 -3.44 8.64
C SER A 208 -15.68 -4.39 7.52
N ALA A 209 -15.91 -5.66 7.88
CA ALA A 209 -16.42 -6.62 6.90
C ALA A 209 -17.70 -6.09 6.24
N GLU A 210 -18.59 -5.52 7.04
CA GLU A 210 -19.84 -5.00 6.52
C GLU A 210 -19.64 -3.87 5.52
N ILE A 211 -18.71 -2.95 5.79
CA ILE A 211 -18.52 -1.82 4.88
C ILE A 211 -17.84 -2.24 3.58
N PHE A 212 -16.95 -3.22 3.64
CA PHE A 212 -16.35 -3.75 2.42
C PHE A 212 -17.42 -4.38 1.53
N LYS A 213 -18.32 -5.16 2.13
CA LYS A 213 -19.42 -5.78 1.39
C LYS A 213 -20.41 -4.73 0.85
N GLU A 214 -20.69 -3.73 1.67
CA GLU A 214 -21.58 -2.65 1.26
C GLU A 214 -21.02 -1.96 0.03
N THR A 215 -19.72 -1.72 0.04
CA THR A 215 -19.06 -1.03 -1.06
C THR A 215 -19.06 -1.87 -2.34
N LEU A 216 -18.79 -3.17 -2.19
CA LEU A 216 -18.88 -4.11 -3.31
C LEU A 216 -20.32 -4.16 -3.86
N ASP A 217 -21.30 -4.22 -2.98
CA ASP A 217 -22.69 -4.19 -3.41
C ASP A 217 -23.04 -2.93 -4.21
N LEU A 218 -22.51 -1.78 -3.79
CA LEU A 218 -22.72 -0.54 -4.52
C LEU A 218 -22.09 -0.64 -5.91
N ALA A 219 -20.90 -1.26 -5.97
CA ALA A 219 -20.22 -1.43 -7.25
C ALA A 219 -21.09 -2.22 -8.21
N ARG A 220 -21.82 -3.19 -7.66
CA ARG A 220 -22.62 -4.12 -8.48
C ARG A 220 -23.91 -3.47 -8.99
N GLN A 221 -24.26 -2.32 -8.42
CA GLN A 221 -25.36 -1.50 -8.95
C GLN A 221 -24.93 -0.72 -10.19
N ILE A 222 -23.63 -0.66 -10.43
CA ILE A 222 -23.05 0.06 -11.57
C ILE A 222 -22.69 -0.93 -12.67
N THR A 223 -21.89 -1.93 -12.30
CA THR A 223 -21.49 -3.02 -13.17
C THR A 223 -21.96 -4.33 -12.55
N PRO A 224 -23.07 -4.91 -13.08
CA PRO A 224 -23.77 -6.04 -12.45
C PRO A 224 -22.95 -7.17 -11.81
N ASN A 225 -21.96 -7.70 -12.52
CA ASN A 225 -21.28 -8.84 -11.89
C ASN A 225 -19.92 -8.49 -11.32
N ALA A 226 -19.77 -7.24 -10.90
CA ALA A 226 -18.47 -6.74 -10.41
C ALA A 226 -17.92 -7.55 -9.26
N THR A 227 -16.62 -7.80 -9.29
CA THR A 227 -15.96 -8.49 -8.19
C THR A 227 -14.67 -7.80 -7.81
N VAL A 228 -14.15 -8.17 -6.65
CA VAL A 228 -12.77 -7.85 -6.30
C VAL A 228 -12.07 -9.14 -5.88
N ARG A 229 -10.74 -9.11 -5.86
CA ARG A 229 -9.99 -10.26 -5.40
C ARG A 229 -9.99 -10.38 -3.88
N GLY A 230 -9.94 -9.23 -3.21
CA GLY A 230 -9.90 -9.24 -1.76
C GLY A 230 -9.44 -7.92 -1.20
N LEU A 231 -8.56 -8.00 -0.21
CA LEU A 231 -8.10 -6.84 0.58
C LEU A 231 -6.60 -6.69 0.60
N ALA A 232 -6.15 -5.45 0.80
CA ALA A 232 -4.73 -5.18 1.01
C ALA A 232 -4.54 -4.65 2.42
N ILE A 233 -3.57 -5.18 3.14
CA ILE A 233 -3.36 -4.76 4.53
C ILE A 233 -1.92 -4.34 4.80
N ASN A 234 -1.78 -3.53 5.86
CA ASN A 234 -0.48 -3.02 6.33
C ASN A 234 0.17 -2.02 5.37
N VAL A 235 -0.60 -1.51 4.41
CA VAL A 235 -0.07 -0.57 3.42
C VAL A 235 0.54 0.64 4.13
N SER A 236 1.83 0.88 3.86
CA SER A 236 2.59 2.00 4.44
C SER A 236 2.83 1.89 5.93
N ASN A 237 2.49 0.73 6.51
CA ASN A 237 2.75 0.53 7.92
C ASN A 237 3.97 -0.38 8.13
N TYR A 238 4.17 -0.81 9.38
CA TYR A 238 5.40 -1.47 9.79
C TYR A 238 5.14 -2.78 10.52
N ASN A 239 3.87 -3.16 10.66
CA ASN A 239 3.54 -4.31 11.47
C ASN A 239 4.23 -5.57 10.91
N PRO A 240 4.75 -6.42 11.79
CA PRO A 240 5.33 -7.66 11.30
C PRO A 240 4.26 -8.60 10.78
N TYR A 241 4.62 -9.45 9.82
CA TYR A 241 3.69 -10.50 9.40
C TYR A 241 3.53 -11.49 10.54
N LYS A 242 4.66 -11.96 11.08
CA LYS A 242 4.67 -12.79 12.29
C LYS A 242 5.63 -12.18 13.30
N THR A 243 5.09 -11.78 14.44
CA THR A 243 5.92 -11.18 15.50
C THR A 243 6.81 -12.22 16.18
N ARG A 244 8.00 -11.78 16.59
CA ARG A 244 8.90 -12.61 17.42
C ARG A 244 8.93 -12.13 18.86
N ALA A 245 8.25 -11.02 19.13
CA ALA A 245 8.19 -10.42 20.46
C ALA A 245 7.03 -9.45 20.46
N ARG A 246 5.84 -9.98 20.73
CA ARG A 246 4.61 -9.21 20.74
C ARG A 246 4.76 -7.89 21.52
N GLU A 247 4.37 -6.78 20.90
CA GLU A 247 4.54 -5.46 21.55
C GLU A 247 3.48 -5.23 22.61
N ASP A 248 3.87 -4.56 23.69
CA ASP A 248 2.94 -4.22 24.75
C ASP A 248 1.73 -3.44 24.24
N TYR A 249 1.94 -2.58 23.26
CA TYR A 249 0.83 -1.76 22.76
C TYR A 249 -0.26 -2.55 22.00
N THR A 250 0.02 -3.83 21.73
CA THR A 250 -0.94 -4.70 21.06
C THR A 250 -1.83 -5.46 22.05
N GLU A 251 -1.64 -5.20 23.34
CA GLU A 251 -2.47 -5.78 24.40
C GLU A 251 -3.94 -5.65 24.05
N TRP A 252 -4.66 -6.77 24.08
CA TRP A 252 -6.11 -6.81 23.88
C TRP A 252 -6.54 -6.64 22.43
N ASN A 253 -5.57 -6.68 21.52
CA ASN A 253 -5.85 -6.75 20.09
C ASN A 253 -5.33 -8.09 19.57
N ASN A 254 -6.24 -8.91 19.04
CA ASN A 254 -5.88 -10.24 18.54
C ASN A 254 -5.18 -10.21 17.18
N ALA A 255 -5.14 -9.03 16.58
CA ALA A 255 -4.47 -8.83 15.30
C ALA A 255 -3.11 -8.16 15.56
N TYR A 256 -2.34 -8.79 16.45
CA TYR A 256 -1.08 -8.23 16.93
C TYR A 256 0.08 -8.40 15.97
N ASP A 257 -0.15 -9.18 14.92
CA ASP A 257 0.69 -9.15 13.73
C ASP A 257 -0.23 -9.32 12.52
N GLU A 258 0.28 -9.15 11.32
CA GLU A 258 -0.61 -9.13 10.16
C GLU A 258 -1.15 -10.51 9.77
N TRP A 259 -0.39 -11.56 10.06
CA TRP A 259 -0.86 -12.93 9.86
C TRP A 259 -2.06 -13.17 10.78
N ASN A 260 -1.96 -12.70 12.03
CA ASN A 260 -3.12 -12.79 12.91
C ASN A 260 -4.28 -11.85 12.53
N TYR A 261 -3.96 -10.71 11.91
CA TYR A 261 -5.03 -9.87 11.37
C TYR A 261 -5.83 -10.63 10.31
N VAL A 262 -5.14 -11.25 9.37
CA VAL A 262 -5.81 -12.10 8.38
C VAL A 262 -6.70 -13.14 9.07
N LYS A 263 -6.15 -13.85 10.04
CA LYS A 263 -6.87 -14.94 10.68
C LYS A 263 -8.11 -14.45 11.40
N THR A 264 -8.02 -13.27 12.01
CA THR A 264 -9.13 -12.73 12.81
C THR A 264 -10.20 -12.03 11.98
N LEU A 265 -9.81 -11.41 10.86
CA LEU A 265 -10.76 -10.72 9.99
C LEU A 265 -11.49 -11.69 9.05
N THR A 266 -10.78 -12.69 8.55
CA THR A 266 -11.33 -13.65 7.59
C THR A 266 -12.76 -14.15 7.89
N PRO A 267 -13.02 -14.67 9.12
CA PRO A 267 -14.35 -15.23 9.38
C PRO A 267 -15.49 -14.23 9.16
N HIS A 268 -15.22 -12.96 9.43
CA HIS A 268 -16.23 -11.92 9.25
C HIS A 268 -16.48 -11.61 7.78
N LEU A 269 -15.40 -11.59 7.00
CA LEU A 269 -15.54 -11.48 5.55
C LEU A 269 -16.38 -12.64 5.00
N GLN A 270 -16.07 -13.84 5.47
CA GLN A 270 -16.80 -15.02 5.00
C GLN A 270 -18.27 -14.92 5.37
N ALA A 271 -18.55 -14.44 6.57
CA ALA A 271 -19.93 -14.32 7.07
C ALA A 271 -20.77 -13.36 6.23
N VAL A 272 -20.14 -12.30 5.74
CA VAL A 272 -20.87 -11.31 4.93
C VAL A 272 -20.78 -11.58 3.43
N GLY A 273 -19.98 -12.56 3.03
CA GLY A 273 -19.87 -12.93 1.62
C GLY A 273 -18.96 -12.00 0.84
N PHE A 274 -17.90 -11.54 1.49
CA PHE A 274 -16.86 -10.75 0.84
C PHE A 274 -15.60 -11.63 0.68
N PRO A 275 -14.92 -11.59 -0.48
CA PRO A 275 -13.80 -12.50 -0.66
C PRO A 275 -12.66 -12.27 0.32
N ALA A 276 -12.20 -13.36 0.95
CA ALA A 276 -11.24 -13.28 2.03
C ALA A 276 -9.85 -13.65 1.53
N GLN A 277 -9.37 -12.91 0.53
CA GLN A 277 -8.00 -13.09 0.04
C GLN A 277 -7.27 -11.78 0.27
N PHE A 278 -6.01 -11.87 0.67
CA PHE A 278 -5.27 -10.70 1.11
C PHE A 278 -3.93 -10.60 0.39
N ILE A 279 -3.51 -9.37 0.14
CA ILE A 279 -2.08 -9.10 -0.06
C ILE A 279 -1.59 -8.25 1.11
N VAL A 280 -0.34 -8.46 1.53
CA VAL A 280 0.17 -7.85 2.78
C VAL A 280 1.44 -7.09 2.51
N ASP A 281 1.46 -5.79 2.82
CA ASP A 281 2.69 -4.99 2.70
C ASP A 281 3.65 -5.40 3.79
N GLN A 282 4.88 -5.74 3.41
CA GLN A 282 5.94 -5.99 4.39
C GLN A 282 7.21 -5.20 4.07
N GLY A 283 7.09 -4.19 3.20
CA GLY A 283 8.24 -3.40 2.78
C GLY A 283 9.04 -2.72 3.88
N ARG A 284 8.39 -2.42 5.01
CA ARG A 284 9.09 -1.75 6.14
C ARG A 284 8.88 -2.50 7.46
N SER A 285 8.76 -3.82 7.38
CA SER A 285 8.36 -4.65 8.54
C SER A 285 9.46 -5.53 9.12
N GLY A 286 10.70 -5.33 8.69
CA GLY A 286 11.79 -6.23 9.09
C GLY A 286 12.16 -6.14 10.57
N ARG A 287 12.03 -4.94 11.13
CA ARG A 287 12.44 -4.69 12.52
C ARG A 287 11.26 -4.32 13.41
N GLU A 288 11.15 -5.02 14.55
CA GLU A 288 10.14 -4.73 15.54
C GLU A 288 10.73 -3.90 16.68
N GLY A 289 9.89 -3.51 17.64
CA GLY A 289 10.35 -2.73 18.79
C GLY A 289 10.88 -1.36 18.42
N ILE A 290 10.37 -0.79 17.33
CA ILE A 290 10.80 0.52 16.85
C ILE A 290 9.81 1.63 17.21
N ARG A 291 8.62 1.23 17.71
CA ARG A 291 7.58 2.18 18.10
C ARG A 291 7.23 2.06 19.58
N THR A 292 6.81 3.17 20.19
CA THR A 292 6.32 3.14 21.57
C THR A 292 4.79 3.16 21.62
N GLU A 293 4.16 3.53 20.51
CA GLU A 293 2.70 3.52 20.38
C GLU A 293 2.34 2.98 19.00
N TRP A 294 1.25 2.22 18.92
CA TRP A 294 0.85 1.60 17.65
C TRP A 294 0.55 2.63 16.58
N GLY A 295 0.06 3.80 17.00
CA GLY A 295 -0.37 4.84 16.09
C GLY A 295 0.72 5.65 15.44
N GLN A 296 1.97 5.43 15.84
CA GLN A 296 3.11 6.08 15.22
C GLN A 296 3.33 5.51 13.82
N TRP A 297 3.44 6.39 12.82
CA TRP A 297 3.50 5.93 11.42
C TRP A 297 4.54 6.66 10.57
N CYS A 298 4.99 7.82 11.03
CA CYS A 298 5.79 8.69 10.15
C CYS A 298 7.27 8.44 10.28
N ASN A 299 7.88 7.91 9.22
CA ASN A 299 9.33 7.70 9.13
C ASN A 299 9.90 7.07 10.39
N ILE A 300 9.36 5.92 10.77
CA ILE A 300 9.76 5.31 12.04
C ILE A 300 11.21 4.87 11.96
N ARG A 301 12.02 5.39 12.88
CA ARG A 301 13.47 5.23 12.81
C ARG A 301 13.86 3.77 13.00
N ASN A 302 14.87 3.36 12.24
CA ASN A 302 15.45 2.01 12.27
C ASN A 302 14.54 0.94 11.67
N ALA A 303 13.48 1.34 10.97
CA ALA A 303 12.69 0.38 10.22
C ALA A 303 13.58 -0.38 9.26
N GLY A 304 13.24 -1.66 9.03
CA GLY A 304 13.99 -2.51 8.11
C GLY A 304 13.11 -3.05 6.99
N PHE A 305 13.69 -3.30 5.83
CA PHE A 305 12.97 -4.02 4.78
C PHE A 305 12.54 -5.35 5.36
N GLY A 306 11.31 -5.76 5.08
CA GLY A 306 10.82 -7.04 5.60
C GLY A 306 10.87 -8.19 4.61
N ILE A 307 10.04 -9.19 4.83
CA ILE A 307 9.92 -10.35 3.94
C ILE A 307 9.81 -9.88 2.50
N ARG A 308 10.63 -10.43 1.61
CA ARG A 308 10.53 -10.00 0.22
C ARG A 308 9.28 -10.53 -0.44
N PRO A 309 8.79 -9.80 -1.45
CA PRO A 309 7.58 -10.24 -2.16
C PRO A 309 7.64 -11.71 -2.54
N THR A 310 6.56 -12.42 -2.24
CA THR A 310 6.53 -13.87 -2.40
C THR A 310 5.12 -14.41 -2.32
N THR A 311 4.91 -15.56 -2.97
CA THR A 311 3.69 -16.33 -2.82
C THR A 311 3.98 -17.67 -2.12
N ASP A 312 5.23 -17.89 -1.71
CA ASP A 312 5.66 -19.17 -1.14
C ASP A 312 4.90 -19.47 0.15
N GLN A 313 4.08 -20.52 0.13
CA GLN A 313 3.28 -20.87 1.31
C GLN A 313 4.13 -21.30 2.53
N ALA A 314 5.39 -21.66 2.29
CA ALA A 314 6.30 -21.98 3.39
C ALA A 314 6.55 -20.74 4.25
N ILE A 315 6.41 -19.57 3.62
CA ILE A 315 6.53 -18.29 4.31
C ILE A 315 5.15 -17.73 4.63
N VAL A 316 4.27 -17.73 3.64
CA VAL A 316 2.97 -17.10 3.76
C VAL A 316 2.08 -17.85 4.77
N ASP A 317 2.07 -19.19 4.70
CA ASP A 317 1.42 -20.00 5.73
C ASP A 317 -0.06 -19.61 5.90
N SER A 318 -0.75 -19.38 4.78
CA SER A 318 -2.20 -19.08 4.84
C SER A 318 -2.82 -19.15 3.46
N ALA A 319 -3.87 -19.96 3.34
CA ALA A 319 -4.64 -20.06 2.10
C ALA A 319 -5.33 -18.73 1.76
N ASN A 320 -5.51 -17.89 2.77
CA ASN A 320 -6.20 -16.61 2.59
C ASN A 320 -5.26 -15.48 2.19
N VAL A 321 -3.96 -15.75 2.10
CA VAL A 321 -3.01 -14.72 1.68
C VAL A 321 -2.47 -15.06 0.30
N ASP A 322 -2.76 -14.18 -0.66
CA ASP A 322 -2.31 -14.34 -2.04
C ASP A 322 -0.80 -14.13 -2.13
N ALA A 323 -0.33 -13.10 -1.44
CA ALA A 323 1.09 -12.75 -1.54
C ALA A 323 1.50 -11.74 -0.49
N ILE A 324 2.78 -11.81 -0.13
CA ILE A 324 3.42 -10.70 0.56
C ILE A 324 3.97 -9.78 -0.55
N VAL A 325 3.74 -8.48 -0.38
CA VAL A 325 4.13 -7.47 -1.38
C VAL A 325 4.80 -6.28 -0.69
N TRP A 326 5.39 -5.40 -1.50
CA TRP A 326 5.92 -4.13 -0.99
C TRP A 326 5.13 -3.00 -1.64
N VAL A 327 4.20 -2.43 -0.89
CA VAL A 327 3.31 -1.41 -1.43
C VAL A 327 3.91 -0.01 -1.29
N LYS A 328 4.17 0.41 -0.05
CA LYS A 328 4.85 1.68 0.19
C LYS A 328 6.33 1.51 -0.17
N PRO A 329 6.85 2.34 -1.10
CA PRO A 329 8.25 2.19 -1.46
C PRO A 329 9.19 2.80 -0.42
N GLY A 330 9.98 1.94 0.22
CA GLY A 330 10.91 2.36 1.27
C GLY A 330 11.92 3.37 0.76
N GLY A 331 12.05 4.47 1.49
CA GLY A 331 12.92 5.57 1.07
C GLY A 331 12.13 6.79 0.68
N GLU A 332 10.87 6.60 0.29
CA GLU A 332 9.99 7.73 0.02
C GLU A 332 9.43 8.20 1.34
N SER A 333 9.73 9.45 1.71
CA SER A 333 9.34 9.96 3.03
C SER A 333 7.83 9.91 3.28
N ASP A 334 7.44 9.70 4.53
CA ASP A 334 6.02 9.77 4.92
C ASP A 334 5.56 11.21 5.20
N GLY A 335 6.53 12.11 5.32
CA GLY A 335 6.22 13.51 5.65
C GLY A 335 7.42 14.22 6.24
N THR A 336 7.35 15.55 6.23
CA THR A 336 8.44 16.36 6.74
C THR A 336 8.37 16.55 8.25
N SER A 337 9.55 16.59 8.87
CA SER A 337 9.69 16.85 10.29
C SER A 337 9.98 18.32 10.54
N ASP A 338 10.05 19.13 9.48
CA ASP A 338 10.37 20.56 9.64
C ASP A 338 9.17 21.31 10.18
N VAL A 339 9.28 21.79 11.42
CA VAL A 339 8.17 22.42 12.13
C VAL A 339 7.59 23.62 11.38
N ASN A 340 8.42 24.21 10.52
CA ASN A 340 8.06 25.43 9.81
C ASN A 340 7.56 25.16 8.39
N ALA A 341 7.56 23.89 7.98
CA ALA A 341 7.06 23.55 6.66
C ALA A 341 5.56 23.76 6.60
N VAL A 342 5.08 24.17 5.43
CA VAL A 342 3.65 24.41 5.23
C VAL A 342 2.82 23.14 5.49
N ARG A 343 3.41 21.98 5.20
CA ARG A 343 2.75 20.68 5.36
C ARG A 343 3.27 19.90 6.55
N PHE A 344 3.86 20.59 7.51
CA PHE A 344 4.34 19.93 8.71
C PHE A 344 3.25 19.12 9.39
N ASP A 345 3.58 17.87 9.71
CA ASP A 345 2.69 16.97 10.44
C ASP A 345 3.38 16.63 11.75
N GLU A 346 2.76 16.94 12.89
CA GLU A 346 3.37 16.68 14.19
C GLU A 346 3.70 15.20 14.40
N ASN A 347 2.98 14.32 13.71
CA ASN A 347 3.27 12.89 13.78
C ASN A 347 4.68 12.56 13.31
N CYS A 348 5.23 13.43 12.46
CA CYS A 348 6.56 13.22 11.89
C CYS A 348 7.70 13.67 12.82
N ARG A 349 7.33 14.15 14.00
CA ARG A 349 8.28 14.43 15.07
C ARG A 349 7.96 13.60 16.32
N SER A 350 7.31 12.46 16.11
CA SER A 350 7.03 11.53 17.20
C SER A 350 8.35 11.08 17.82
N PRO A 351 8.31 10.61 19.08
CA PRO A 351 9.54 10.11 19.70
C PRO A 351 10.21 8.99 18.92
N ALA A 352 9.45 8.33 18.03
CA ALA A 352 9.96 7.18 17.26
C ALA A 352 10.35 7.55 15.82
N SER A 353 10.14 8.82 15.43
CA SER A 353 10.38 9.25 14.05
C SER A 353 11.84 9.58 13.79
N HIS A 354 12.26 9.33 12.55
CA HIS A 354 13.59 9.66 12.04
C HIS A 354 13.59 11.11 11.55
N VAL A 355 14.38 11.97 12.20
CA VAL A 355 14.43 13.40 11.93
C VAL A 355 15.89 13.76 11.65
N PRO A 356 16.16 14.71 10.71
CA PRO A 356 15.21 15.41 9.85
C PRO A 356 14.77 14.58 8.64
N ALA A 357 13.53 14.80 8.22
CA ALA A 357 12.94 14.07 7.11
C ALA A 357 12.40 15.09 6.12
N PRO A 358 12.44 14.74 4.83
CA PRO A 358 11.94 15.62 3.78
C PRO A 358 10.43 15.47 3.56
N GLU A 359 9.87 16.28 2.66
CA GLU A 359 8.45 16.24 2.34
C GLU A 359 7.98 14.83 1.94
N ALA A 360 6.71 14.54 2.21
CA ALA A 360 6.11 13.25 1.80
C ALA A 360 6.41 12.93 0.35
N GLY A 361 6.87 11.70 0.12
CA GLY A 361 7.19 11.24 -1.23
C GLY A 361 8.61 11.55 -1.69
N GLU A 362 9.28 12.49 -1.03
CA GLU A 362 10.66 12.86 -1.38
C GLU A 362 11.65 11.81 -0.88
N TRP A 363 12.79 11.72 -1.55
CA TRP A 363 13.78 10.69 -1.21
C TRP A 363 14.47 10.97 0.11
N PHE A 364 14.52 9.96 0.96
CA PHE A 364 15.06 10.08 2.30
C PHE A 364 16.19 9.05 2.38
N ASN A 365 17.37 9.41 1.88
CA ASN A 365 18.45 8.43 1.73
C ASN A 365 18.91 7.78 3.02
N GLU A 366 18.99 8.59 4.08
CA GLU A 366 19.41 8.11 5.40
C GLU A 366 18.47 7.00 5.89
N PHE A 367 17.20 7.10 5.51
CA PHE A 367 16.19 6.15 5.95
C PHE A 367 16.34 4.81 5.21
N VAL A 368 16.65 4.88 3.91
CA VAL A 368 16.88 3.67 3.11
C VAL A 368 18.15 2.96 3.54
N VAL A 369 19.18 3.72 3.88
CA VAL A 369 20.40 3.14 4.43
C VAL A 369 20.03 2.24 5.60
N ASN A 370 19.19 2.75 6.49
CA ASN A 370 18.75 1.96 7.64
C ASN A 370 17.80 0.81 7.29
N LEU A 371 16.96 0.99 6.26
CA LEU A 371 16.10 -0.13 5.78
C LEU A 371 16.92 -1.32 5.31
N VAL A 372 18.04 -1.04 4.65
CA VAL A 372 18.96 -2.09 4.23
C VAL A 372 19.62 -2.74 5.44
N ILE A 373 20.20 -1.93 6.32
CA ILE A 373 20.95 -2.47 7.46
C ILE A 373 20.06 -3.29 8.39
N ASN A 374 18.82 -2.84 8.57
CA ASN A 374 17.87 -3.46 9.49
C ASN A 374 16.91 -4.46 8.84
N ALA A 375 17.17 -4.78 7.57
CA ALA A 375 16.33 -5.76 6.86
C ALA A 375 16.34 -7.11 7.57
N ASN A 376 15.17 -7.75 7.64
CA ASN A 376 15.07 -9.12 8.15
C ASN A 376 14.04 -9.89 7.35
N PRO A 377 14.43 -11.06 6.80
CA PRO A 377 15.79 -11.62 6.86
C PRO A 377 16.79 -10.71 6.15
N PRO A 378 18.09 -10.82 6.49
CA PRO A 378 19.03 -9.94 5.79
C PRO A 378 18.94 -10.09 4.28
N LEU A 379 19.21 -9.01 3.59
CA LEU A 379 19.18 -9.03 2.14
C LEU A 379 20.35 -9.84 1.60
N GLU A 380 20.05 -10.70 0.63
CA GLU A 380 21.11 -11.42 -0.09
C GLU A 380 21.75 -10.41 -1.05
N PRO A 381 23.09 -10.34 -1.06
CA PRO A 381 23.78 -9.40 -1.96
C PRO A 381 23.74 -9.84 -3.42
N THR A 382 23.60 -8.88 -4.32
CA THR A 382 23.78 -9.12 -5.74
C THR A 382 25.12 -8.52 -6.13
N TYR A 383 26.14 -9.36 -6.18
CA TYR A 383 27.49 -8.88 -6.51
C TYR A 383 27.71 -8.91 -8.01
MG MG B . -4.46 20.69 -1.60
#